data_4IDE
#
_entry.id   4IDE
#
_cell.length_a   69.962
_cell.length_b   69.962
_cell.length_c   174.511
_cell.angle_alpha   90.000
_cell.angle_beta   90.000
_cell.angle_gamma   90.000
#
_symmetry.space_group_name_H-M   'P 43 21 2'
#
loop_
_entity.id
_entity.type
_entity.pdbx_description
1 polymer 'Ripening-induced protein'
2 non-polymer 'NADP NICOTINAMIDE-ADENINE-DINUCLEOTIDE PHOSPHATE'
3 non-polymer (2E)-2-ethylidene-4-hydroxy-5-methylfuran-3(2H)-one
4 non-polymer 'SULFATE ION'
5 non-polymer 1,2-ETHANEDIOL
6 water water
#
_entity_poly.entity_id   1
_entity_poly.type   'polypeptide(L)'
_entity_poly.pdbx_seq_one_letter_code
;MASWSHPQFEKGAAAPSESIPSVNKAWVYSEYGKTSDVLKFDPSVAVPEIKEDQVLIKVVAASLNPVDFKRALGYFKDTD
SPLPTIPGYDVAGVVVKVGSQVTKFKVGDEVYGDLNETALVNPTRFGSLAEYTAADERVLAHKPKNLSFIEAASLPLAIE
TAHEGLERAELSAGKSVLVLGGAGGVGTHIIQLAKHVFGASKVAATASTKKLDLLRTLGADLAIDYTKENFEDLPEKFDV
VYDAVGETDKAVKAVKEGGKVVTIVGPATPPAILFVLTSKGSVLEKLKPYLESGKVKPVLDPTSPYPFTKVVEAFGYLES
SRATGKVVVYPI
;
_entity_poly.pdbx_strand_id   A
#
loop_
_chem_comp.id
_chem_comp.type
_chem_comp.name
_chem_comp.formula
3XX non-polymer (2E)-2-ethylidene-4-hydroxy-5-methylfuran-3(2H)-one 'C7 H8 O3'
EDO non-polymer 1,2-ETHANEDIOL 'C2 H6 O2'
NAP non-polymer 'NADP NICOTINAMIDE-ADENINE-DINUCLEOTIDE PHOSPHATE' 'C21 H28 N7 O17 P3'
SO4 non-polymer 'SULFATE ION' 'O4 S -2'
#
# COMPACT_ATOMS: atom_id res chain seq x y z
N GLY A 12 -4.77 28.57 3.11
CA GLY A 12 -4.77 27.93 1.74
C GLY A 12 -5.60 28.72 0.74
N ALA A 13 -5.12 29.92 0.36
CA ALA A 13 -5.61 30.64 -0.82
C ALA A 13 -5.16 29.84 -2.04
N ALA A 14 -5.89 29.88 -3.16
CA ALA A 14 -5.41 29.21 -4.41
C ALA A 14 -3.97 29.65 -4.78
N ALA A 15 -3.19 28.72 -5.31
CA ALA A 15 -1.86 29.04 -5.90
C ALA A 15 -2.07 29.94 -7.13
N PRO A 16 -1.11 30.88 -7.42
CA PRO A 16 -1.20 31.59 -8.74
C PRO A 16 -1.19 30.53 -9.88
N SER A 17 -2.08 30.67 -10.88
CA SER A 17 -2.37 29.56 -11.82
C SER A 17 -1.11 29.28 -12.68
N GLU A 18 -0.39 30.36 -13.00
CA GLU A 18 0.86 30.20 -13.72
C GLU A 18 1.95 29.49 -12.90
N SER A 19 1.76 29.35 -11.59
CA SER A 19 2.76 28.59 -10.78
C SER A 19 2.62 27.08 -10.84
N ILE A 20 1.54 26.56 -11.40
CA ILE A 20 1.37 25.13 -11.52
C ILE A 20 1.74 24.75 -12.97
N PRO A 21 2.73 23.90 -13.15
CA PRO A 21 3.09 23.57 -14.55
C PRO A 21 2.10 22.67 -15.27
N SER A 22 2.14 22.68 -16.61
CA SER A 22 1.23 21.79 -17.38
C SER A 22 1.98 20.58 -17.84
N VAL A 23 3.32 20.60 -17.76
CA VAL A 23 4.12 19.37 -18.00
C VAL A 23 5.11 19.17 -16.85
N ASN A 24 5.54 17.94 -16.71
CA ASN A 24 6.44 17.55 -15.63
C ASN A 24 7.16 16.26 -15.95
N LYS A 25 8.06 15.89 -15.06
CA LYS A 25 8.78 14.64 -15.18
CA LYS A 25 8.78 14.64 -15.18
C LYS A 25 7.98 13.51 -14.58
N ALA A 26 8.02 12.32 -15.24
CA ALA A 26 7.38 11.13 -14.72
C ALA A 26 7.96 9.89 -15.30
N TRP A 27 7.73 8.76 -14.65
CA TRP A 27 8.01 7.47 -15.26
C TRP A 27 6.78 6.95 -15.98
N VAL A 28 6.93 6.34 -17.16
CA VAL A 28 5.79 6.01 -17.99
C VAL A 28 6.06 4.68 -18.68
N TYR A 29 5.02 3.91 -18.94
CA TYR A 29 5.09 2.83 -19.91
C TYR A 29 3.99 2.94 -20.92
N SER A 30 4.30 2.61 -22.16
CA SER A 30 3.36 2.75 -23.27
CA SER A 30 3.37 2.74 -23.30
C SER A 30 2.85 1.38 -23.79
N GLU A 31 3.37 0.28 -23.24
CA GLU A 31 2.96 -1.10 -23.56
C GLU A 31 3.21 -1.96 -22.36
N TYR A 32 2.44 -3.02 -22.21
CA TYR A 32 2.57 -3.85 -21.07
C TYR A 32 3.88 -4.71 -21.20
N GLY A 33 4.39 -5.11 -20.04
CA GLY A 33 5.58 -5.95 -19.98
C GLY A 33 6.28 -5.83 -18.61
N LYS A 34 7.50 -6.39 -18.56
CA LYS A 34 8.28 -6.30 -17.37
C LYS A 34 8.75 -4.85 -17.22
N THR A 35 8.91 -4.38 -15.98
CA THR A 35 9.38 -3.01 -15.73
C THR A 35 10.77 -2.77 -16.26
N SER A 36 11.62 -3.78 -16.20
CA SER A 36 12.95 -3.62 -16.76
C SER A 36 12.96 -3.39 -18.30
N ASP A 37 11.88 -3.73 -18.99
CA ASP A 37 11.76 -3.56 -20.42
C ASP A 37 10.95 -2.30 -20.77
N VAL A 38 9.82 -2.09 -20.08
CA VAL A 38 8.85 -1.05 -20.52
C VAL A 38 8.84 0.27 -19.81
N LEU A 39 9.36 0.35 -18.59
CA LEU A 39 9.28 1.51 -17.73
C LEU A 39 10.37 2.49 -18.10
N LYS A 40 9.94 3.63 -18.64
CA LYS A 40 10.82 4.66 -19.14
C LYS A 40 10.63 6.03 -18.48
N PHE A 41 11.72 6.80 -18.39
CA PHE A 41 11.63 8.16 -17.83
C PHE A 41 11.25 9.11 -18.95
N ASP A 42 10.24 9.97 -18.68
CA ASP A 42 9.79 10.95 -19.63
C ASP A 42 9.90 12.33 -19.00
N PRO A 43 10.75 13.18 -19.58
CA PRO A 43 11.05 14.48 -18.95
C PRO A 43 9.90 15.50 -19.08
N SER A 44 8.88 15.19 -19.89
CA SER A 44 7.85 16.18 -20.25
CA SER A 44 7.83 16.18 -20.17
C SER A 44 6.54 15.45 -20.55
N VAL A 45 5.89 14.98 -19.49
N VAL A 45 5.84 15.05 -19.51
CA VAL A 45 4.54 14.41 -19.58
CA VAL A 45 4.55 14.42 -19.65
C VAL A 45 3.53 15.44 -19.09
C VAL A 45 3.51 15.32 -19.01
N ALA A 46 2.28 15.34 -19.54
CA ALA A 46 1.23 16.20 -18.99
C ALA A 46 1.01 16.03 -17.51
N VAL A 47 0.84 17.15 -16.80
CA VAL A 47 0.29 17.16 -15.45
C VAL A 47 -1.25 16.94 -15.63
N PRO A 48 -1.79 16.03 -14.84
CA PRO A 48 -3.25 15.88 -14.98
C PRO A 48 -4.04 17.08 -14.60
N GLU A 49 -5.10 17.31 -15.35
CA GLU A 49 -6.16 18.26 -14.97
C GLU A 49 -7.04 17.62 -13.88
N ILE A 50 -7.37 18.35 -12.86
CA ILE A 50 -8.17 17.83 -11.76
C ILE A 50 -9.66 17.89 -12.07
N LYS A 51 -10.37 16.88 -11.57
CA LYS A 51 -11.80 16.93 -11.49
C LYS A 51 -12.26 17.70 -10.27
N GLU A 52 -13.54 18.00 -10.21
CA GLU A 52 -14.07 18.84 -9.19
C GLU A 52 -13.97 18.29 -7.77
N ASP A 53 -13.90 16.97 -7.65
CA ASP A 53 -13.75 16.32 -6.34
C ASP A 53 -12.35 15.83 -6.04
N GLN A 54 -11.35 16.41 -6.77
CA GLN A 54 -9.97 16.06 -6.64
C GLN A 54 -9.13 17.30 -6.22
N VAL A 55 -7.90 16.98 -5.77
CA VAL A 55 -6.88 17.97 -5.49
C VAL A 55 -5.68 17.60 -6.36
N LEU A 56 -4.92 18.62 -6.71
CA LEU A 56 -3.61 18.41 -7.27
C LEU A 56 -2.56 18.46 -6.15
N ILE A 57 -1.65 17.46 -6.16
CA ILE A 57 -0.60 17.31 -5.15
C ILE A 57 0.78 17.49 -5.83
N LYS A 58 1.64 18.29 -5.19
CA LYS A 58 3.09 18.27 -5.47
C LYS A 58 3.59 17.04 -4.71
N VAL A 59 3.97 16.03 -5.47
CA VAL A 59 4.43 14.76 -4.88
C VAL A 59 5.78 15.00 -4.22
N VAL A 60 5.92 14.49 -2.99
CA VAL A 60 7.19 14.49 -2.29
C VAL A 60 7.80 13.11 -2.28
N ALA A 61 6.98 12.09 -2.04
CA ALA A 61 7.47 10.68 -2.01
C ALA A 61 6.33 9.79 -2.48
N ALA A 62 6.70 8.63 -3.00
CA ALA A 62 5.72 7.62 -3.49
C ALA A 62 6.24 6.27 -3.06
N SER A 63 5.35 5.35 -2.75
CA SER A 63 5.74 3.95 -2.52
C SER A 63 5.38 3.09 -3.71
N LEU A 64 6.09 1.98 -3.84
CA LEU A 64 5.75 0.94 -4.81
C LEU A 64 4.96 -0.16 -4.10
N ASN A 65 4.16 -0.84 -4.88
CA ASN A 65 3.34 -1.98 -4.41
C ASN A 65 3.39 -3.01 -5.53
N PRO A 66 3.26 -4.32 -5.19
CA PRO A 66 3.19 -5.31 -6.22
C PRO A 66 2.17 -5.06 -7.30
N VAL A 67 1.02 -4.47 -6.97
CA VAL A 67 0.02 -4.17 -7.98
C VAL A 67 0.61 -3.33 -9.11
N ASP A 68 1.55 -2.44 -8.78
CA ASP A 68 2.15 -1.62 -9.87
C ASP A 68 2.78 -2.51 -10.97
N PHE A 69 3.54 -3.53 -10.60
CA PHE A 69 4.19 -4.35 -11.62
C PHE A 69 3.22 -5.38 -12.22
N LYS A 70 2.24 -5.87 -11.46
CA LYS A 70 1.27 -6.80 -12.00
C LYS A 70 0.40 -6.05 -13.04
N ARG A 71 0.02 -4.84 -12.70
CA ARG A 71 -0.68 -3.94 -13.63
C ARG A 71 0.13 -3.72 -14.93
N ALA A 72 1.41 -3.43 -14.72
CA ALA A 72 2.28 -3.16 -15.86
C ALA A 72 2.52 -4.35 -16.74
N LEU A 73 2.42 -5.56 -16.18
CA LEU A 73 2.44 -6.78 -17.01
C LEU A 73 1.17 -7.05 -17.81
N GLY A 74 0.14 -6.25 -17.54
CA GLY A 74 -1.13 -6.36 -18.24
C GLY A 74 -2.12 -7.30 -17.56
N TYR A 75 -1.91 -7.61 -16.31
CA TYR A 75 -2.74 -8.65 -15.63
C TYR A 75 -4.23 -8.25 -15.50
N PHE A 76 -4.53 -6.97 -15.56
CA PHE A 76 -5.91 -6.54 -15.58
C PHE A 76 -6.21 -5.53 -16.62
N LYS A 77 -5.71 -5.84 -17.80
CA LYS A 77 -5.92 -4.97 -18.93
C LYS A 77 -7.38 -4.69 -19.29
N ASP A 78 -8.26 -5.68 -19.11
CA ASP A 78 -9.64 -5.51 -19.48
C ASP A 78 -10.34 -4.43 -18.65
N THR A 79 -9.85 -4.12 -17.47
CA THR A 79 -10.46 -3.11 -16.61
C THR A 79 -9.51 -2.00 -16.26
N ASP A 80 -8.35 -1.96 -16.94
CA ASP A 80 -7.39 -0.89 -16.74
C ASP A 80 -7.86 0.39 -17.46
N SER A 81 -7.14 1.48 -17.12
CA SER A 81 -7.23 2.73 -17.86
C SER A 81 -6.31 2.68 -19.12
N PRO A 82 -6.52 3.56 -20.06
CA PRO A 82 -5.77 3.49 -21.32
C PRO A 82 -4.31 3.78 -21.11
N LEU A 83 -3.50 3.03 -21.83
CA LEU A 83 -2.08 3.38 -21.93
C LEU A 83 -1.92 4.62 -22.75
N PRO A 84 -0.72 5.29 -22.64
CA PRO A 84 0.34 5.03 -21.63
C PRO A 84 -0.05 5.34 -20.17
N THR A 85 0.66 4.74 -19.25
CA THR A 85 0.42 4.81 -17.84
C THR A 85 1.64 5.39 -17.11
N ILE A 86 1.35 6.29 -16.18
CA ILE A 86 2.35 6.70 -15.17
C ILE A 86 2.02 5.91 -13.91
N PRO A 87 2.83 4.93 -13.53
CA PRO A 87 2.53 4.12 -12.37
C PRO A 87 2.66 4.81 -11.00
N GLY A 88 2.20 4.10 -9.98
CA GLY A 88 2.40 4.48 -8.60
C GLY A 88 1.01 4.80 -7.99
N TYR A 89 0.67 4.01 -6.98
CA TYR A 89 -0.63 4.17 -6.20
C TYR A 89 -0.44 5.04 -4.97
N ASP A 90 0.60 4.79 -4.19
CA ASP A 90 0.81 5.51 -2.91
C ASP A 90 1.49 6.85 -3.15
N VAL A 91 1.01 7.86 -2.47
CA VAL A 91 1.57 9.21 -2.56
C VAL A 91 1.60 9.87 -1.18
N ALA A 92 2.55 10.78 -0.99
CA ALA A 92 2.52 11.80 0.05
C ALA A 92 3.06 13.08 -0.55
N GLY A 93 2.43 14.19 -0.20
CA GLY A 93 2.86 15.46 -0.70
C GLY A 93 2.03 16.62 -0.25
N VAL A 94 2.04 17.71 -1.03
CA VAL A 94 1.48 18.99 -0.60
C VAL A 94 0.44 19.41 -1.59
N VAL A 95 -0.76 19.72 -1.10
CA VAL A 95 -1.79 20.19 -1.98
C VAL A 95 -1.42 21.56 -2.59
N VAL A 96 -1.58 21.65 -3.92
CA VAL A 96 -1.38 22.86 -4.63
C VAL A 96 -2.61 23.46 -5.35
N LYS A 97 -3.64 22.63 -5.52
CA LYS A 97 -4.91 23.07 -6.13
C LYS A 97 -6.03 22.20 -5.64
N VAL A 98 -7.20 22.83 -5.48
CA VAL A 98 -8.37 22.06 -5.05
C VAL A 98 -9.53 22.29 -5.99
N GLY A 99 -10.23 21.18 -6.28
CA GLY A 99 -11.42 21.27 -7.10
C GLY A 99 -12.59 21.93 -6.42
N SER A 100 -13.55 22.44 -7.23
CA SER A 100 -14.66 23.21 -6.74
C SER A 100 -15.59 22.52 -5.79
N GLN A 101 -15.56 21.17 -5.75
CA GLN A 101 -16.35 20.44 -4.79
C GLN A 101 -15.60 19.99 -3.55
N VAL A 102 -14.31 20.27 -3.47
CA VAL A 102 -13.53 19.81 -2.33
C VAL A 102 -13.73 20.65 -1.10
N THR A 103 -13.96 20.00 0.02
CA THR A 103 -14.15 20.65 1.30
C THR A 103 -13.19 20.26 2.40
N LYS A 104 -12.47 19.17 2.27
CA LYS A 104 -11.65 18.67 3.36
C LYS A 104 -10.21 19.16 3.33
N PHE A 105 -9.77 19.68 2.18
CA PHE A 105 -8.37 20.08 2.04
C PHE A 105 -8.31 21.45 1.43
N LYS A 106 -7.23 22.13 1.76
CA LYS A 106 -6.93 23.43 1.20
C LYS A 106 -5.49 23.41 0.68
N VAL A 107 -5.20 24.38 -0.17
CA VAL A 107 -3.81 24.57 -0.65
C VAL A 107 -2.87 24.70 0.53
N GLY A 108 -1.80 23.92 0.46
CA GLY A 108 -0.78 23.90 1.47
C GLY A 108 -0.88 22.72 2.43
N ASP A 109 -2.02 22.05 2.46
CA ASP A 109 -2.15 20.86 3.31
C ASP A 109 -1.19 19.75 2.87
N GLU A 110 -0.60 19.10 3.85
CA GLU A 110 0.22 17.93 3.65
C GLU A 110 -0.68 16.72 3.77
N VAL A 111 -0.68 15.95 2.71
CA VAL A 111 -1.60 14.85 2.52
C VAL A 111 -0.94 13.56 2.06
N TYR A 112 -1.66 12.44 2.26
CA TYR A 112 -1.18 11.15 1.79
C TYR A 112 -2.37 10.22 1.54
N GLY A 113 -2.15 9.24 0.70
CA GLY A 113 -3.19 8.28 0.39
C GLY A 113 -2.81 7.36 -0.75
N ASP A 114 -3.66 6.40 -1.01
CA ASP A 114 -3.59 5.50 -2.16
C ASP A 114 -4.55 6.02 -3.22
N LEU A 115 -3.99 6.49 -4.35
CA LEU A 115 -4.76 7.17 -5.32
C LEU A 115 -6.05 6.49 -5.84
N ASN A 116 -6.01 5.15 -5.94
CA ASN A 116 -7.00 4.42 -6.65
C ASN A 116 -8.08 3.81 -5.74
N GLU A 117 -9.27 4.37 -5.75
CA GLU A 117 -10.35 3.78 -4.93
C GLU A 117 -10.52 2.29 -5.16
N THR A 118 -10.59 1.88 -6.42
CA THR A 118 -10.76 0.47 -6.81
C THR A 118 -9.46 0.12 -7.54
N ALA A 119 -8.59 -0.65 -6.92
CA ALA A 119 -7.23 -0.88 -7.46
C ALA A 119 -7.28 -1.48 -8.88
N LEU A 120 -8.21 -2.38 -9.14
CA LEU A 120 -8.23 -3.16 -10.33
C LEU A 120 -9.19 -2.64 -11.36
N VAL A 121 -9.94 -1.56 -11.08
CA VAL A 121 -10.91 -1.07 -12.04
C VAL A 121 -10.69 0.46 -12.24
N ASN A 122 -10.26 0.81 -13.42
CA ASN A 122 -9.99 2.21 -13.82
C ASN A 122 -9.08 2.98 -12.88
N PRO A 123 -7.94 2.44 -12.46
CA PRO A 123 -6.95 3.22 -11.75
C PRO A 123 -6.48 4.35 -12.70
N THR A 124 -6.05 5.41 -12.10
CA THR A 124 -5.73 6.60 -12.86
C THR A 124 -4.62 6.35 -13.89
N ARG A 125 -4.69 7.10 -14.99
CA ARG A 125 -3.55 7.16 -15.94
C ARG A 125 -2.34 7.87 -15.34
N PHE A 126 -2.59 8.76 -14.38
CA PHE A 126 -1.58 9.70 -13.86
C PHE A 126 -1.26 9.38 -12.45
N GLY A 127 -0.36 8.42 -12.26
CA GLY A 127 -0.02 7.93 -10.95
C GLY A 127 0.93 8.83 -10.14
N SER A 128 1.52 8.27 -9.11
CA SER A 128 2.28 9.02 -8.12
C SER A 128 3.79 9.15 -8.46
N LEU A 129 4.26 8.41 -9.47
CA LEU A 129 5.69 8.46 -9.89
C LEU A 129 5.88 9.59 -10.93
N ALA A 130 5.58 10.80 -10.44
CA ALA A 130 5.51 12.01 -11.23
C ALA A 130 5.63 13.19 -10.23
N GLU A 131 6.03 14.33 -10.73
CA GLU A 131 6.20 15.47 -9.84
C GLU A 131 4.89 16.03 -9.26
N TYR A 132 3.80 15.90 -10.00
CA TYR A 132 2.45 16.28 -9.60
C TYR A 132 1.47 15.18 -9.98
N THR A 133 0.43 15.00 -9.16
CA THR A 133 -0.60 14.03 -9.48
C THR A 133 -1.95 14.55 -8.92
N ALA A 134 -3.03 14.07 -9.52
CA ALA A 134 -4.42 14.38 -9.12
C ALA A 134 -4.94 13.26 -8.28
N ALA A 135 -5.57 13.59 -7.17
CA ALA A 135 -6.14 12.61 -6.24
C ALA A 135 -7.54 12.97 -5.80
N ASP A 136 -8.43 11.96 -5.73
CA ASP A 136 -9.75 12.16 -5.21
C ASP A 136 -9.63 12.59 -3.73
N GLU A 137 -10.43 13.55 -3.33
CA GLU A 137 -10.51 13.96 -1.95
C GLU A 137 -10.73 12.69 -1.05
N ARG A 138 -11.56 11.81 -1.51
CA ARG A 138 -12.01 10.71 -0.66
C ARG A 138 -10.90 9.73 -0.33
N VAL A 139 -9.84 9.64 -1.13
CA VAL A 139 -8.72 8.72 -0.80
C VAL A 139 -7.66 9.28 0.10
N LEU A 140 -7.72 10.57 0.40
CA LEU A 140 -6.66 11.28 1.11
C LEU A 140 -6.98 11.46 2.56
N ALA A 141 -5.88 11.60 3.29
CA ALA A 141 -5.88 12.05 4.69
C ALA A 141 -4.77 13.04 4.95
N HIS A 142 -4.93 13.79 6.05
CA HIS A 142 -3.86 14.69 6.50
C HIS A 142 -2.67 13.89 6.95
N LYS A 143 -1.48 14.27 6.51
CA LYS A 143 -0.29 13.58 7.05
C LYS A 143 -0.07 13.87 8.51
N PRO A 144 0.13 12.83 9.34
CA PRO A 144 0.48 13.04 10.72
C PRO A 144 1.77 13.86 10.81
N LYS A 145 1.75 14.87 11.66
CA LYS A 145 2.89 15.76 11.79
C LYS A 145 4.20 15.08 12.17
N ASN A 146 4.12 13.95 12.83
CA ASN A 146 5.28 13.28 13.35
C ASN A 146 5.89 12.32 12.33
N LEU A 147 5.21 12.13 11.21
CA LEU A 147 5.73 11.23 10.15
C LEU A 147 6.41 12.03 9.03
N SER A 148 7.53 11.54 8.56
CA SER A 148 8.15 12.16 7.36
C SER A 148 7.30 11.84 6.13
N PHE A 149 7.59 12.53 5.02
CA PHE A 149 6.91 12.21 3.78
C PHE A 149 7.26 10.78 3.28
N ILE A 150 8.53 10.37 3.42
CA ILE A 150 8.90 8.96 3.13
C ILE A 150 8.02 7.98 3.93
N GLU A 151 7.94 8.22 5.21
CA GLU A 151 7.18 7.34 6.09
C GLU A 151 5.68 7.30 5.70
N ALA A 152 5.11 8.48 5.46
CA ALA A 152 3.70 8.59 5.12
C ALA A 152 3.40 7.92 3.78
N ALA A 153 4.27 8.14 2.77
CA ALA A 153 4.03 7.51 1.48
C ALA A 153 4.05 6.00 1.55
N SER A 154 4.80 5.45 2.51
CA SER A 154 4.96 4.02 2.66
C SER A 154 3.60 3.35 3.04
N LEU A 155 2.75 4.13 3.70
CA LEU A 155 1.62 3.55 4.43
C LEU A 155 0.34 3.09 3.67
N PRO A 156 -0.20 3.91 2.75
CA PRO A 156 -1.68 3.75 2.55
C PRO A 156 -2.15 2.41 2.01
N LEU A 157 -1.69 1.98 0.82
CA LEU A 157 -2.25 0.78 0.29
C LEU A 157 -2.08 -0.40 1.28
N ALA A 158 -0.84 -0.54 1.81
CA ALA A 158 -0.59 -1.65 2.68
C ALA A 158 -1.39 -1.60 4.00
N ILE A 159 -1.41 -0.41 4.64
CA ILE A 159 -2.04 -0.37 5.96
C ILE A 159 -3.57 -0.53 5.81
N GLU A 160 -4.10 0.00 4.72
CA GLU A 160 -5.56 -0.10 4.46
C GLU A 160 -5.94 -1.55 4.11
N THR A 161 -5.08 -2.21 3.34
CA THR A 161 -5.31 -3.64 3.07
C THR A 161 -5.26 -4.43 4.34
N ALA A 162 -4.25 -4.19 5.19
CA ALA A 162 -4.19 -4.88 6.50
C ALA A 162 -5.45 -4.65 7.28
N HIS A 163 -5.88 -3.41 7.41
CA HIS A 163 -7.02 -3.03 8.18
C HIS A 163 -8.32 -3.68 7.68
N GLU A 164 -8.53 -3.58 6.36
CA GLU A 164 -9.74 -4.08 5.77
C GLU A 164 -9.83 -5.61 5.91
N GLY A 165 -8.73 -6.32 5.74
CA GLY A 165 -8.75 -7.79 5.84
C GLY A 165 -9.08 -8.22 7.24
N LEU A 166 -8.54 -7.51 8.22
CA LEU A 166 -8.83 -7.80 9.66
C LEU A 166 -10.27 -7.50 9.99
N GLU A 167 -10.83 -6.42 9.46
CA GLU A 167 -12.27 -6.16 9.65
C GLU A 167 -13.13 -7.24 8.97
N ARG A 168 -12.76 -7.61 7.77
CA ARG A 168 -13.50 -8.67 7.07
C ARG A 168 -13.50 -10.00 7.84
N ALA A 169 -12.38 -10.26 8.48
CA ALA A 169 -12.21 -11.44 9.35
C ALA A 169 -12.83 -11.31 10.71
N GLU A 170 -13.47 -10.18 10.98
CA GLU A 170 -14.15 -9.91 12.21
C GLU A 170 -13.23 -9.96 13.43
N LEU A 171 -11.96 -9.68 13.26
CA LEU A 171 -11.05 -9.67 14.40
C LEU A 171 -11.55 -8.68 15.43
N SER A 172 -11.41 -9.05 16.71
CA SER A 172 -11.86 -8.22 17.80
C SER A 172 -11.12 -8.71 19.07
N ALA A 173 -11.27 -7.94 20.13
CA ALA A 173 -10.45 -8.09 21.32
C ALA A 173 -10.49 -9.52 21.84
N GLY A 174 -9.30 -10.04 22.13
CA GLY A 174 -9.16 -11.36 22.80
C GLY A 174 -8.95 -12.49 21.81
N LYS A 175 -9.25 -12.31 20.54
CA LYS A 175 -9.14 -13.38 19.55
C LYS A 175 -7.67 -13.55 19.17
N SER A 176 -7.40 -14.71 18.58
CA SER A 176 -6.08 -15.03 18.02
C SER A 176 -6.04 -14.93 16.49
N VAL A 177 -4.86 -14.63 15.98
CA VAL A 177 -4.69 -14.45 14.54
C VAL A 177 -3.33 -14.93 14.11
N LEU A 178 -3.35 -15.60 12.99
CA LEU A 178 -2.18 -16.08 12.26
C LEU A 178 -2.06 -15.33 10.94
N VAL A 179 -0.86 -14.79 10.71
CA VAL A 179 -0.58 -13.97 9.55
C VAL A 179 0.44 -14.73 8.69
N LEU A 180 0.10 -15.06 7.46
CA LEU A 180 0.99 -15.73 6.54
C LEU A 180 1.66 -14.66 5.70
N GLY A 181 2.95 -14.43 5.93
CA GLY A 181 3.72 -13.36 5.29
C GLY A 181 3.86 -12.11 6.10
N GLY A 182 4.46 -12.23 7.28
CA GLY A 182 4.49 -11.12 8.22
C GLY A 182 5.47 -10.01 7.95
N ALA A 183 6.44 -10.21 7.04
CA ALA A 183 7.55 -9.26 6.89
C ALA A 183 7.44 -8.29 5.67
N GLY A 184 6.34 -8.41 4.92
CA GLY A 184 6.18 -7.58 3.70
C GLY A 184 5.44 -6.28 3.99
N GLY A 185 5.14 -5.57 2.90
CA GLY A 185 4.48 -4.25 3.08
C GLY A 185 3.18 -4.38 3.84
N VAL A 186 2.36 -5.37 3.46
CA VAL A 186 1.03 -5.59 4.08
C VAL A 186 1.18 -6.27 5.43
N GLY A 187 1.93 -7.38 5.44
CA GLY A 187 2.07 -8.20 6.66
C GLY A 187 2.56 -7.50 7.90
N THR A 188 3.50 -6.58 7.74
CA THR A 188 4.03 -5.80 8.86
C THR A 188 2.92 -4.98 9.48
N HIS A 189 1.96 -4.52 8.69
CA HIS A 189 0.83 -3.81 9.24
C HIS A 189 -0.23 -4.75 9.80
N ILE A 190 -0.41 -5.90 9.14
CA ILE A 190 -1.37 -6.87 9.69
C ILE A 190 -0.98 -7.17 11.16
N ILE A 191 0.31 -7.43 11.40
CA ILE A 191 0.74 -7.70 12.75
C ILE A 191 0.49 -6.56 13.69
N GLN A 192 0.92 -5.36 13.30
CA GLN A 192 0.83 -4.24 14.23
C GLN A 192 -0.66 -3.90 14.49
N LEU A 193 -1.47 -3.89 13.43
CA LEU A 193 -2.89 -3.59 13.61
C LEU A 193 -3.57 -4.67 14.48
N ALA A 194 -3.26 -5.93 14.22
CA ALA A 194 -3.94 -7.01 14.95
C ALA A 194 -3.68 -6.81 16.46
N LYS A 195 -2.42 -6.54 16.81
CA LYS A 195 -2.01 -6.40 18.23
C LYS A 195 -2.51 -5.11 18.83
N HIS A 196 -2.28 -3.99 18.14
CA HIS A 196 -2.39 -2.69 18.79
C HIS A 196 -3.70 -1.98 18.51
N VAL A 197 -4.44 -2.36 17.47
CA VAL A 197 -5.71 -1.70 17.07
C VAL A 197 -6.90 -2.66 17.34
N PHE A 198 -6.78 -3.93 16.95
CA PHE A 198 -7.85 -4.96 17.10
C PHE A 198 -7.78 -5.72 18.41
N GLY A 199 -6.74 -5.56 19.22
CA GLY A 199 -6.73 -6.14 20.55
C GLY A 199 -6.60 -7.68 20.54
N ALA A 200 -5.92 -8.23 19.54
CA ALA A 200 -5.70 -9.69 19.53
C ALA A 200 -5.00 -10.17 20.77
N SER A 201 -5.42 -11.33 21.30
CA SER A 201 -4.72 -11.89 22.42
C SER A 201 -3.43 -12.55 22.03
N LYS A 202 -3.39 -13.09 20.82
CA LYS A 202 -2.19 -13.75 20.35
C LYS A 202 -2.06 -13.51 18.85
N VAL A 203 -0.88 -13.09 18.42
CA VAL A 203 -0.55 -12.89 17.01
C VAL A 203 0.62 -13.78 16.66
N ALA A 204 0.37 -14.68 15.71
CA ALA A 204 1.40 -15.50 15.17
C ALA A 204 1.62 -15.10 13.72
N ALA A 205 2.82 -15.30 13.22
CA ALA A 205 3.14 -14.86 11.84
C ALA A 205 4.30 -15.64 11.30
N THR A 206 4.27 -15.85 9.96
CA THR A 206 5.33 -16.57 9.26
C THR A 206 6.25 -15.63 8.48
N ALA A 207 7.55 -15.99 8.50
CA ALA A 207 8.60 -15.36 7.71
C ALA A 207 9.77 -16.28 7.69
N SER A 208 10.79 -15.93 6.89
CA SER A 208 12.04 -16.71 6.84
C SER A 208 12.97 -16.35 8.02
N THR A 209 14.06 -17.07 8.11
CA THR A 209 14.89 -17.19 9.30
C THR A 209 15.36 -15.86 9.90
N LYS A 210 15.82 -14.96 9.04
CA LYS A 210 16.43 -13.74 9.54
C LYS A 210 15.39 -12.68 9.88
N LYS A 211 14.09 -12.93 9.64
CA LYS A 211 13.08 -11.88 9.80
C LYS A 211 12.21 -12.12 11.03
N LEU A 212 12.51 -13.16 11.80
CA LEU A 212 11.66 -13.46 12.93
C LEU A 212 11.73 -12.39 14.01
N ASP A 213 12.92 -11.85 14.29
CA ASP A 213 12.99 -10.82 15.30
C ASP A 213 12.16 -9.60 14.90
N LEU A 214 12.15 -9.25 13.62
CA LEU A 214 11.31 -8.11 13.17
C LEU A 214 9.84 -8.37 13.50
N LEU A 215 9.36 -9.58 13.23
CA LEU A 215 7.95 -9.90 13.50
C LEU A 215 7.63 -9.70 14.97
N ARG A 216 8.53 -10.18 15.84
CA ARG A 216 8.34 -10.03 17.27
C ARG A 216 8.31 -8.58 17.67
N THR A 217 9.22 -7.79 17.12
CA THR A 217 9.28 -6.35 17.40
C THR A 217 7.98 -5.61 17.03
N LEU A 218 7.34 -6.03 15.95
CA LEU A 218 6.09 -5.42 15.47
C LEU A 218 4.84 -5.88 16.22
N GLY A 219 4.96 -6.96 17.01
CA GLY A 219 3.88 -7.40 17.88
C GLY A 219 3.51 -8.88 17.78
N ALA A 220 4.26 -9.67 17.03
CA ALA A 220 3.97 -11.10 16.99
C ALA A 220 4.44 -11.78 18.28
N ASP A 221 3.52 -12.53 18.85
CA ASP A 221 3.80 -13.33 20.00
C ASP A 221 4.49 -14.63 19.64
N LEU A 222 4.30 -15.06 18.39
CA LEU A 222 4.90 -16.28 17.90
C LEU A 222 5.33 -16.04 16.46
N ALA A 223 6.63 -16.14 16.25
CA ALA A 223 7.19 -16.00 14.94
C ALA A 223 7.58 -17.39 14.48
N ILE A 224 7.02 -17.76 13.33
CA ILE A 224 7.16 -19.09 12.77
C ILE A 224 8.02 -19.01 11.53
N ASP A 225 9.12 -19.78 11.55
CA ASP A 225 10.03 -19.83 10.41
C ASP A 225 9.46 -20.80 9.38
N TYR A 226 8.91 -20.28 8.27
CA TYR A 226 8.30 -21.17 7.26
C TYR A 226 9.29 -22.02 6.52
N THR A 227 10.57 -21.65 6.59
CA THR A 227 11.59 -22.44 5.89
C THR A 227 12.00 -23.65 6.73
N LYS A 228 11.52 -23.73 7.98
CA LYS A 228 11.85 -24.84 8.87
C LYS A 228 10.66 -25.67 9.33
N GLU A 229 9.46 -25.10 9.29
CA GLU A 229 8.31 -25.84 9.75
C GLU A 229 7.04 -25.34 9.11
N ASN A 230 6.02 -26.18 9.19
CA ASN A 230 4.73 -25.97 8.50
C ASN A 230 3.64 -25.58 9.47
N PHE A 231 3.18 -24.34 9.38
CA PHE A 231 2.26 -23.82 10.35
C PHE A 231 0.98 -24.63 10.44
N GLU A 232 0.58 -25.22 9.31
CA GLU A 232 -0.71 -25.87 9.24
C GLU A 232 -0.70 -27.20 9.97
N ASP A 233 0.50 -27.71 10.26
CA ASP A 233 0.68 -28.93 11.07
C ASP A 233 0.75 -28.70 12.56
N LEU A 234 0.91 -27.45 12.98
CA LEU A 234 0.90 -27.13 14.40
C LEU A 234 -0.48 -27.48 15.00
N PRO A 235 -0.50 -27.94 16.25
CA PRO A 235 -1.82 -28.26 16.82
C PRO A 235 -2.63 -27.01 17.14
N GLU A 236 -1.97 -25.88 17.31
CA GLU A 236 -2.65 -24.61 17.56
C GLU A 236 -3.47 -24.14 16.36
N LYS A 237 -4.74 -23.80 16.59
CA LYS A 237 -5.60 -23.23 15.55
C LYS A 237 -6.07 -21.84 16.02
N PHE A 238 -6.40 -21.00 15.06
CA PHE A 238 -6.60 -19.56 15.25
C PHE A 238 -8.00 -19.15 14.93
N ASP A 239 -8.44 -18.07 15.59
CA ASP A 239 -9.72 -17.50 15.25
C ASP A 239 -9.77 -16.88 13.84
N VAL A 240 -8.63 -16.24 13.48
CA VAL A 240 -8.48 -15.59 12.19
C VAL A 240 -7.18 -16.02 11.57
N VAL A 241 -7.23 -16.34 10.29
CA VAL A 241 -6.03 -16.51 9.49
C VAL A 241 -6.08 -15.54 8.33
N TYR A 242 -5.03 -14.72 8.25
CA TYR A 242 -4.90 -13.72 7.15
C TYR A 242 -3.72 -14.12 6.30
N ASP A 243 -4.04 -14.65 5.12
CA ASP A 243 -3.07 -15.04 4.15
C ASP A 243 -2.66 -13.85 3.24
N ALA A 244 -1.40 -13.51 3.31
CA ALA A 244 -0.83 -12.48 2.41
C ALA A 244 0.18 -13.02 1.43
N VAL A 245 0.18 -14.34 1.23
N VAL A 245 0.27 -14.37 1.26
CA VAL A 245 1.11 -14.96 0.37
CA VAL A 245 1.21 -15.01 0.31
C VAL A 245 0.41 -15.64 -0.82
C VAL A 245 0.62 -16.10 -0.63
N GLY A 246 -0.69 -16.34 -0.55
CA GLY A 246 -1.37 -17.18 -1.52
C GLY A 246 -1.28 -18.64 -1.16
N GLU A 247 -1.59 -18.94 0.07
CA GLU A 247 -1.45 -20.29 0.64
C GLU A 247 -2.75 -20.63 1.34
N THR A 248 -3.90 -20.37 0.68
CA THR A 248 -5.19 -20.61 1.33
C THR A 248 -5.47 -22.08 1.53
N ASP A 249 -4.89 -22.93 0.71
CA ASP A 249 -5.09 -24.36 0.94
C ASP A 249 -4.62 -24.80 2.28
N LYS A 250 -3.48 -24.28 2.70
CA LYS A 250 -2.97 -24.54 3.99
C LYS A 250 -3.64 -23.65 5.04
N ALA A 251 -3.96 -22.41 4.70
CA ALA A 251 -4.56 -21.48 5.69
C ALA A 251 -5.81 -22.03 6.32
N VAL A 252 -6.65 -22.66 5.48
CA VAL A 252 -7.91 -23.19 5.98
C VAL A 252 -7.73 -24.38 6.92
N LYS A 253 -6.52 -24.95 6.98
CA LYS A 253 -6.23 -26.01 7.93
C LYS A 253 -5.80 -25.50 9.32
N ALA A 254 -5.54 -24.19 9.43
CA ALA A 254 -5.05 -23.57 10.65
C ALA A 254 -6.13 -22.78 11.40
N VAL A 255 -7.33 -22.76 10.86
CA VAL A 255 -8.42 -21.95 11.46
C VAL A 255 -9.32 -22.83 12.38
N LYS A 256 -9.73 -22.25 13.48
CA LYS A 256 -10.76 -22.84 14.33
C LYS A 256 -12.12 -22.94 13.61
N GLU A 257 -12.89 -23.96 13.97
CA GLU A 257 -14.26 -24.06 13.48
C GLU A 257 -15.00 -22.79 13.81
N GLY A 258 -15.69 -22.21 12.85
CA GLY A 258 -16.36 -20.95 13.03
C GLY A 258 -15.49 -19.69 12.92
N GLY A 259 -14.18 -19.90 12.70
CA GLY A 259 -13.24 -18.78 12.52
C GLY A 259 -13.31 -18.26 11.11
N LYS A 260 -12.41 -17.34 10.75
CA LYS A 260 -12.49 -16.69 9.45
C LYS A 260 -11.07 -16.71 8.83
N VAL A 261 -11.03 -17.00 7.53
CA VAL A 261 -9.79 -16.92 6.78
C VAL A 261 -10.04 -15.92 5.63
N VAL A 262 -9.11 -14.96 5.53
CA VAL A 262 -9.12 -14.01 4.43
C VAL A 262 -7.78 -14.11 3.71
N THR A 263 -7.82 -13.81 2.43
CA THR A 263 -6.62 -13.73 1.63
C THR A 263 -6.68 -12.51 0.72
N ILE A 264 -5.50 -12.03 0.38
CA ILE A 264 -5.35 -11.00 -0.63
C ILE A 264 -4.64 -11.48 -1.89
N VAL A 265 -4.39 -12.79 -1.98
CA VAL A 265 -3.80 -13.39 -3.10
C VAL A 265 -4.68 -14.56 -3.56
N GLY A 266 -5.20 -14.47 -4.76
CA GLY A 266 -6.27 -15.47 -5.14
C GLY A 266 -5.66 -16.60 -5.97
N PRO A 267 -6.45 -17.62 -6.34
CA PRO A 267 -7.86 -17.88 -5.90
C PRO A 267 -7.92 -18.47 -4.48
N ALA A 268 -9.04 -18.19 -3.83
CA ALA A 268 -9.32 -18.53 -2.46
C ALA A 268 -10.11 -19.85 -2.41
N THR A 269 -9.51 -20.78 -1.69
CA THR A 269 -10.16 -22.05 -1.36
C THR A 269 -11.23 -21.81 -0.30
N PRO A 270 -12.52 -22.06 -0.62
CA PRO A 270 -13.52 -21.86 0.45
C PRO A 270 -13.13 -22.75 1.65
N PRO A 271 -13.29 -22.25 2.89
CA PRO A 271 -14.11 -21.12 3.25
C PRO A 271 -13.31 -19.80 3.25
N ALA A 272 -12.06 -19.77 2.78
CA ALA A 272 -11.35 -18.51 2.70
C ALA A 272 -12.03 -17.60 1.69
N ILE A 273 -11.95 -16.31 1.93
CA ILE A 273 -12.41 -15.34 0.95
C ILE A 273 -11.24 -14.51 0.48
N LEU A 274 -11.30 -14.17 -0.79
CA LEU A 274 -10.38 -13.16 -1.36
C LEU A 274 -11.14 -11.84 -1.44
N PHE A 275 -10.44 -10.76 -1.18
CA PHE A 275 -11.00 -9.41 -1.42
C PHE A 275 -9.90 -8.58 -1.99
N VAL A 276 -10.30 -7.44 -2.58
CA VAL A 276 -9.38 -6.40 -3.04
C VAL A 276 -9.75 -5.15 -2.25
N LEU A 277 -8.79 -4.48 -1.67
CA LEU A 277 -9.12 -3.33 -0.78
C LEU A 277 -9.86 -2.26 -1.55
N THR A 278 -10.55 -1.47 -0.78
CA THR A 278 -11.10 -0.17 -1.24
C THR A 278 -10.28 0.92 -0.57
N SER A 279 -9.64 1.81 -1.33
CA SER A 279 -8.85 2.90 -0.75
C SER A 279 -9.72 4.00 -0.27
N LYS A 280 -9.53 4.35 1.03
CA LYS A 280 -10.35 5.37 1.70
C LYS A 280 -9.46 6.14 2.66
N GLY A 281 -9.48 7.46 2.51
CA GLY A 281 -8.84 8.36 3.43
C GLY A 281 -9.39 8.23 4.83
N SER A 282 -10.67 7.89 4.95
CA SER A 282 -11.25 7.75 6.29
C SER A 282 -10.57 6.68 7.12
N VAL A 283 -9.99 5.66 6.51
CA VAL A 283 -9.27 4.60 7.23
C VAL A 283 -7.98 5.17 7.84
N LEU A 284 -7.27 5.93 7.03
CA LEU A 284 -6.09 6.62 7.53
C LEU A 284 -6.41 7.55 8.69
N GLU A 285 -7.48 8.30 8.54
CA GLU A 285 -7.90 9.19 9.60
C GLU A 285 -8.23 8.41 10.90
N LYS A 286 -8.91 7.29 10.80
CA LYS A 286 -9.21 6.42 11.93
C LYS A 286 -7.97 5.95 12.61
N LEU A 287 -6.95 5.67 11.82
CA LEU A 287 -5.70 5.23 12.37
C LEU A 287 -4.72 6.32 12.83
N LYS A 288 -5.03 7.58 12.57
CA LYS A 288 -4.13 8.70 12.93
C LYS A 288 -3.60 8.62 14.36
N PRO A 289 -4.46 8.38 15.36
CA PRO A 289 -3.89 8.47 16.69
C PRO A 289 -2.83 7.41 16.99
N TYR A 290 -2.93 6.25 16.39
CA TYR A 290 -1.95 5.17 16.56
C TYR A 290 -0.64 5.53 15.84
N LEU A 291 -0.77 6.26 14.74
CA LEU A 291 0.39 6.70 14.01
C LEU A 291 1.04 7.87 14.75
N GLU A 292 0.25 8.77 15.33
CA GLU A 292 0.83 9.87 16.10
C GLU A 292 1.50 9.41 17.40
N SER A 293 0.96 8.40 18.05
CA SER A 293 1.55 7.95 19.31
C SER A 293 2.74 7.02 19.08
N GLY A 294 2.86 6.48 17.86
CA GLY A 294 3.88 5.45 17.53
C GLY A 294 3.49 4.00 17.87
N LYS A 295 2.26 3.79 18.31
CA LYS A 295 1.79 2.42 18.57
C LYS A 295 1.82 1.58 17.29
N VAL A 296 1.52 2.21 16.15
CA VAL A 296 1.70 1.60 14.83
C VAL A 296 2.72 2.50 14.08
N LYS A 297 3.75 1.86 13.55
CA LYS A 297 4.83 2.56 12.89
C LYS A 297 4.90 2.20 11.43
N PRO A 298 5.43 3.13 10.65
CA PRO A 298 5.80 2.77 9.34
C PRO A 298 6.94 1.78 9.40
N VAL A 299 7.08 0.96 8.34
CA VAL A 299 8.15 0.00 8.20
C VAL A 299 8.77 0.15 6.83
N LEU A 300 10.04 0.60 6.79
CA LEU A 300 10.76 0.87 5.57
C LEU A 300 11.82 -0.17 5.34
N ASP A 301 11.93 -0.63 4.12
CA ASP A 301 13.00 -1.56 3.73
C ASP A 301 14.31 -0.79 3.90
N PRO A 302 15.39 -1.44 4.38
CA PRO A 302 16.69 -0.74 4.53
C PRO A 302 17.19 -0.08 3.26
N THR A 303 16.73 -0.55 2.10
CA THR A 303 17.21 0.08 0.84
C THR A 303 16.46 1.39 0.51
N SER A 304 15.35 1.66 1.20
CA SER A 304 14.58 2.90 0.98
C SER A 304 15.32 4.05 1.64
N PRO A 305 15.19 5.26 1.06
CA PRO A 305 14.56 5.57 -0.20
C PRO A 305 15.43 5.38 -1.43
N TYR A 306 14.76 5.19 -2.55
CA TYR A 306 15.39 5.21 -3.84
C TYR A 306 15.15 6.55 -4.48
N PRO A 307 16.18 7.15 -5.06
CA PRO A 307 15.99 8.42 -5.80
C PRO A 307 15.10 8.22 -7.05
N PHE A 308 14.49 9.30 -7.50
CA PHE A 308 13.61 9.27 -8.64
C PHE A 308 14.29 8.78 -9.91
N THR A 309 15.62 8.88 -10.03
CA THR A 309 16.42 8.27 -11.08
C THR A 309 16.49 6.76 -11.03
N LYS A 310 16.11 6.18 -9.90
CA LYS A 310 16.33 4.77 -9.67
C LYS A 310 15.06 3.96 -9.57
N VAL A 311 13.99 4.43 -10.22
CA VAL A 311 12.72 3.74 -10.12
C VAL A 311 12.80 2.34 -10.73
N VAL A 312 13.56 2.16 -11.80
CA VAL A 312 13.64 0.81 -12.39
C VAL A 312 14.25 -0.20 -11.38
N GLU A 313 15.32 0.24 -10.71
CA GLU A 313 15.99 -0.55 -9.66
C GLU A 313 15.08 -0.85 -8.48
N ALA A 314 14.30 0.17 -8.10
CA ALA A 314 13.36 0.03 -6.99
C ALA A 314 12.36 -1.09 -7.34
N PHE A 315 11.80 -1.06 -8.56
CA PHE A 315 10.87 -2.14 -8.99
C PHE A 315 11.57 -3.49 -9.01
N GLY A 316 12.76 -3.52 -9.53
CA GLY A 316 13.54 -4.78 -9.53
C GLY A 316 13.66 -5.42 -8.15
N TYR A 317 13.95 -4.57 -7.16
CA TYR A 317 14.08 -5.05 -5.78
C TYR A 317 12.73 -5.57 -5.28
N LEU A 318 11.67 -4.80 -5.54
CA LEU A 318 10.34 -5.25 -5.06
C LEU A 318 9.96 -6.59 -5.70
N GLU A 319 10.23 -6.70 -6.98
CA GLU A 319 9.86 -7.90 -7.76
C GLU A 319 10.57 -9.16 -7.26
N SER A 320 11.61 -8.97 -6.44
CA SER A 320 12.39 -10.10 -5.86
C SER A 320 11.57 -10.86 -4.80
N SER A 321 10.48 -10.24 -4.32
CA SER A 321 9.57 -10.78 -3.25
C SER A 321 10.24 -10.80 -1.87
N ARG A 322 11.38 -10.13 -1.74
CA ARG A 322 12.15 -10.12 -0.50
C ARG A 322 12.04 -8.83 0.35
N ALA A 323 11.30 -7.83 -0.11
CA ALA A 323 11.22 -6.58 0.65
C ALA A 323 10.74 -6.84 2.11
N THR A 324 11.38 -6.12 3.03
CA THR A 324 11.01 -6.02 4.42
C THR A 324 10.28 -4.65 4.58
N GLY A 325 8.99 -4.64 4.85
CA GLY A 325 8.24 -3.39 4.78
C GLY A 325 8.28 -2.79 3.36
N LYS A 326 8.40 -1.47 3.29
CA LYS A 326 8.11 -0.70 2.07
C LYS A 326 9.30 -0.18 1.30
N VAL A 327 9.16 -0.20 -0.02
CA VAL A 327 10.07 0.39 -0.96
C VAL A 327 9.48 1.77 -1.32
N VAL A 328 10.23 2.84 -1.03
CA VAL A 328 9.77 4.21 -1.23
C VAL A 328 10.79 4.95 -2.10
N VAL A 329 10.23 5.81 -2.97
CA VAL A 329 10.97 6.67 -3.87
C VAL A 329 10.92 8.11 -3.35
N TYR A 330 12.09 8.68 -3.20
CA TYR A 330 12.27 10.04 -2.66
C TYR A 330 13.72 10.43 -2.90
N PRO A 331 13.99 11.69 -3.26
CA PRO A 331 13.04 12.78 -3.54
C PRO A 331 12.46 12.76 -4.93
N ILE A 332 11.22 13.12 -5.03
CA ILE A 332 10.54 13.25 -6.34
C ILE A 332 10.43 14.73 -6.64
PA NAP B . 5.81 -7.56 -0.47
O1A NAP B . 6.08 -6.42 0.46
O2A NAP B . 6.51 -7.76 -1.78
O5B NAP B . 6.04 -8.97 0.34
C5B NAP B . 7.44 -9.33 0.50
C4B NAP B . 7.60 -10.20 1.76
O4B NAP B . 6.91 -11.45 1.45
C3B NAP B . 9.03 -10.54 2.11
O3B NAP B . 9.29 -9.94 3.37
C2B NAP B . 9.00 -12.10 2.20
O2B NAP B . 9.56 -12.53 3.45
C1B NAP B . 7.55 -12.42 2.29
N9A NAP B . 7.26 -13.79 1.80
C8A NAP B . 7.39 -14.24 0.55
N7A NAP B . 6.95 -15.52 0.44
C5A NAP B . 6.58 -15.86 1.70
C6A NAP B . 6.01 -17.07 2.31
N6A NAP B . 5.81 -18.20 1.59
N1A NAP B . 5.75 -17.00 3.60
C2A NAP B . 5.95 -15.96 4.44
N3A NAP B . 6.48 -14.79 3.94
C4A NAP B . 6.76 -14.75 2.62
O3 NAP B . 4.26 -7.71 -0.79
PN NAP B . 2.94 -6.97 -0.14
O1N NAP B . 2.97 -5.50 -0.67
O2N NAP B . 2.92 -7.16 1.31
O5D NAP B . 1.85 -7.75 -0.97
C5D NAP B . 1.53 -9.15 -0.58
C4D NAP B . 0.67 -9.81 -1.60
O4D NAP B . -0.63 -9.22 -1.49
C3D NAP B . 1.19 -9.53 -3.01
O3D NAP B . 0.95 -10.66 -3.87
C2D NAP B . 0.27 -8.41 -3.51
O2D NAP B . 0.00 -8.36 -4.94
C1D NAP B . -1.04 -8.69 -2.76
N1N NAP B . -1.92 -7.55 -2.46
C2N NAP B . -3.27 -7.65 -2.55
C3N NAP B . -4.13 -6.62 -2.18
C7N NAP B . -5.61 -6.86 -2.28
O7N NAP B . -6.26 -5.91 -1.96
N7N NAP B . -6.06 -8.11 -2.69
C4N NAP B . -3.62 -5.35 -1.65
C5N NAP B . -2.21 -5.39 -1.52
C6N NAP B . -1.41 -6.45 -1.86
P2B NAP B . 10.70 -13.76 3.32
O1X NAP B . 10.06 -14.77 2.49
O2X NAP B . 11.85 -13.09 2.63
O3X NAP B . 10.84 -13.99 4.82
OAC 3XX C . -1.64 -6.41 -5.39
CAI 3XX C . -2.88 -6.71 -5.58
CAH 3XX C . -3.35 -7.95 -6.01
OAD 3XX C . -2.63 -9.04 -6.24
CAG 3XX C . -4.70 -7.97 -6.00
CAB 3XX C . -5.59 -9.16 -6.34
OAF 3XX C . -5.13 -6.68 -5.62
CAJ 3XX C . -4.01 -5.94 -5.34
CAE 3XX C . -4.31 -4.69 -5.03
CAA 3XX C . -3.48 -3.62 -4.60
S SO4 D . -15.86 6.73 3.41
O1 SO4 D . -15.21 6.35 4.66
O2 SO4 D . -16.72 5.54 3.05
O3 SO4 D . -16.70 7.96 3.52
O4 SO4 D . -14.85 6.93 2.27
C1 EDO E . -9.42 -16.56 22.06
O1 EDO E . -10.04 -17.47 21.12
C2 EDO E . -7.94 -16.82 22.13
O2 EDO E . -7.64 -18.22 22.35
C1 EDO F . 10.84 14.59 4.80
O1 EDO F . 9.58 14.74 5.55
C2 EDO F . 10.91 13.60 3.61
O2 EDO F . 10.80 12.23 4.03
#